data_5TPJ
#
_entry.id   5TPJ
#
_cell.length_a   49.810
_cell.length_b   49.810
_cell.length_c   113.110
_cell.angle_alpha   90.00
_cell.angle_beta   90.00
_cell.angle_gamma   90.00
#
_symmetry.space_group_name_H-M   'P 41 21 2'
#
loop_
_entity.id
_entity.type
_entity.pdbx_description
1 polymer 'denovo NTF2'
2 water water
#
_entity_poly.entity_id   1
_entity_poly.type   'polypeptide(L)'
_entity_poly.pdbx_seq_one_letter_code
;GSHMSREEIRKVVEEMVRKLKQGSPEDISKYLSPDVRLEVGNYTFEGSEQVTKFWRMLTKFVDRVEVRKVQVDGNHVRVE
VEVEWNGKKWTFEVEVEVRNGKIKRIRLQVDPEFKKVVQNIWNLL
;
_entity_poly.pdbx_strand_id   A
#
# COMPACT_ATOMS: atom_id res chain seq x y z
N MET A 4 6.01 1.42 20.57
CA MET A 4 5.83 0.63 19.36
C MET A 4 5.83 -0.87 19.64
N SER A 5 4.81 -1.57 19.15
CA SER A 5 4.69 -3.01 19.37
C SER A 5 4.74 -3.80 18.07
N ARG A 6 5.71 -4.71 17.98
CA ARG A 6 5.99 -5.48 16.76
C ARG A 6 4.77 -6.25 16.24
N GLU A 7 4.09 -6.96 17.12
CA GLU A 7 2.89 -7.68 16.75
C GLU A 7 1.81 -6.70 16.28
N GLU A 8 1.69 -5.58 16.99
CA GLU A 8 0.68 -4.58 16.67
C GLU A 8 0.97 -3.86 15.35
N ILE A 9 2.25 -3.55 15.14
CA ILE A 9 2.67 -2.89 13.91
C ILE A 9 2.34 -3.76 12.70
N ARG A 10 2.56 -5.05 12.82
CA ARG A 10 2.35 -5.97 11.70
C ARG A 10 0.88 -6.01 11.27
N LYS A 11 -0.04 -5.89 12.23
CA LYS A 11 -1.46 -5.94 11.92
C LYS A 11 -1.91 -4.76 11.05
N VAL A 12 -1.49 -3.55 11.41
CA VAL A 12 -1.96 -2.37 10.68
C VAL A 12 -1.50 -2.38 9.22
N VAL A 13 -0.27 -2.81 8.97
CA VAL A 13 0.24 -2.88 7.61
C VAL A 13 -0.49 -3.98 6.85
N GLU A 14 -0.66 -5.14 7.50
CA GLU A 14 -1.30 -6.29 6.88
C GLU A 14 -2.78 -6.09 6.62
N GLU A 15 -3.46 -5.41 7.53
CA GLU A 15 -4.88 -5.17 7.37
C GLU A 15 -5.11 -4.19 6.23
N MET A 16 -4.29 -3.16 6.17
CA MET A 16 -4.37 -2.16 5.12
C MET A 16 -4.17 -2.80 3.75
N VAL A 17 -3.11 -3.59 3.64
CA VAL A 17 -2.83 -4.33 2.42
C VAL A 17 -3.98 -5.28 2.08
N ARG A 18 -4.48 -5.97 3.08
CA ARG A 18 -5.52 -6.98 2.87
C ARG A 18 -6.80 -6.37 2.30
N LYS A 19 -7.16 -5.17 2.72
CA LYS A 19 -8.44 -4.59 2.29
C LYS A 19 -8.38 -3.89 0.93
N LEU A 20 -8.08 -4.67 -0.10
CA LEU A 20 -8.17 -4.21 -1.49
C LEU A 20 -9.25 -5.01 -2.18
N LYS A 21 -8.99 -6.31 -2.25
CA LYS A 21 -9.95 -7.27 -2.75
C LYS A 21 -11.16 -7.32 -1.84
N GLN A 22 -10.92 -7.29 -0.53
CA GLN A 22 -12.00 -7.45 0.45
C GLN A 22 -12.22 -6.24 1.35
N GLY A 23 -13.36 -6.21 2.00
CA GLY A 23 -13.76 -5.07 2.80
C GLY A 23 -14.25 -3.98 1.89
N SER A 24 -14.31 -2.75 2.40
CA SER A 24 -14.78 -1.64 1.60
C SER A 24 -13.69 -0.61 1.36
N PRO A 25 -13.52 -0.20 0.10
CA PRO A 25 -12.61 0.90 -0.23
C PRO A 25 -12.96 2.19 0.53
N GLU A 26 -11.95 3.03 0.76
CA GLU A 26 -11.99 4.25 1.59
C GLU A 26 -11.99 3.95 3.09
N ASP A 27 -11.99 2.67 3.44
CA ASP A 27 -11.83 2.20 4.83
C ASP A 27 -10.41 2.50 5.27
N ILE A 28 -9.57 2.69 4.26
CA ILE A 28 -8.13 2.78 4.42
C ILE A 28 -7.68 3.89 5.37
N SER A 29 -8.32 5.05 5.27
CA SER A 29 -7.81 6.28 5.88
C SER A 29 -7.47 6.24 7.38
N LYS A 30 -8.19 5.43 8.17
CA LYS A 30 -8.02 5.41 9.62
C LYS A 30 -6.60 5.10 10.08
N TYR A 31 -5.92 4.24 9.33
CA TYR A 31 -4.54 3.88 9.65
C TYR A 31 -3.61 5.04 9.36
N LEU A 32 -3.94 5.78 8.30
CA LEU A 32 -3.09 6.86 7.81
C LEU A 32 -3.08 8.09 8.71
N SER A 33 -1.89 8.65 8.93
CA SER A 33 -1.75 9.94 9.59
C SER A 33 -2.08 11.05 8.60
N PRO A 34 -2.37 12.28 9.05
CA PRO A 34 -2.85 13.26 8.07
C PRO A 34 -1.84 13.66 7.01
N ASP A 35 -0.57 13.67 7.38
CA ASP A 35 0.48 14.15 6.50
C ASP A 35 1.14 12.99 5.76
N VAL A 36 0.46 11.86 5.68
CA VAL A 36 1.02 10.68 5.04
C VAL A 36 1.35 10.96 3.57
N ARG A 37 2.49 10.46 3.12
CA ARG A 37 2.81 10.50 1.71
C ARG A 37 3.15 9.10 1.21
N LEU A 38 2.83 8.85 -0.05
CA LEU A 38 3.16 7.60 -0.71
C LEU A 38 4.09 7.89 -1.86
N GLU A 39 5.18 7.14 -1.94
CA GLU A 39 6.13 7.30 -3.03
C GLU A 39 6.18 6.03 -3.83
N VAL A 40 6.11 6.17 -5.15
CA VAL A 40 6.37 5.04 -6.01
C VAL A 40 7.23 5.57 -7.14
N GLY A 41 8.47 5.11 -7.17
CA GLY A 41 9.43 5.63 -8.13
C GLY A 41 9.54 7.13 -8.02
N ASN A 42 9.45 7.82 -9.15
CA ASN A 42 9.53 9.28 -9.17
C ASN A 42 8.30 9.98 -8.65
N TYR A 43 7.18 9.28 -8.65
CA TYR A 43 5.94 9.91 -8.26
C TYR A 43 5.79 9.97 -6.75
N THR A 44 5.05 10.95 -6.26
CA THR A 44 4.77 11.08 -4.85
C THR A 44 3.34 11.56 -4.65
N PHE A 45 2.63 10.92 -3.74
CA PHE A 45 1.26 11.32 -3.41
C PHE A 45 1.16 11.87 -1.99
N GLU A 46 0.48 13.00 -1.84
CA GLU A 46 0.44 13.71 -0.55
C GLU A 46 -0.94 13.84 0.09
N GLY A 47 -1.01 13.63 1.39
CA GLY A 47 -2.24 13.79 2.12
C GLY A 47 -2.99 12.49 2.17
N SER A 48 -3.87 12.34 3.16
CA SER A 48 -4.57 11.08 3.34
C SER A 48 -5.46 10.77 2.16
N GLU A 49 -6.24 11.77 1.73
CA GLU A 49 -7.20 11.58 0.65
C GLU A 49 -6.52 11.02 -0.57
N GLN A 50 -5.38 11.61 -0.91
CA GLN A 50 -4.69 11.25 -2.12
C GLN A 50 -4.12 9.83 -2.02
N VAL A 51 -3.48 9.55 -0.90
CA VAL A 51 -2.99 8.20 -0.63
C VAL A 51 -4.14 7.18 -0.59
N THR A 52 -5.21 7.52 0.14
CA THR A 52 -6.41 6.69 0.17
C THR A 52 -6.97 6.43 -1.22
N LYS A 53 -7.04 7.50 -2.02
CA LYS A 53 -7.61 7.42 -3.35
C LYS A 53 -6.74 6.53 -4.22
N PHE A 54 -5.42 6.69 -4.10
CA PHE A 54 -4.47 5.86 -4.84
C PHE A 54 -4.76 4.41 -4.61
N TRP A 55 -4.82 4.06 -3.33
CA TRP A 55 -5.09 2.70 -2.90
C TRP A 55 -6.40 2.25 -3.53
N ARG A 56 -7.46 3.02 -3.31
CA ARG A 56 -8.76 2.75 -3.94
C ARG A 56 -8.59 2.43 -5.42
N MET A 57 -7.87 3.29 -6.13
CA MET A 57 -7.71 3.13 -7.57
C MET A 57 -6.94 1.87 -7.88
N LEU A 58 -5.98 1.55 -7.03
CA LEU A 58 -5.15 0.38 -7.21
C LEU A 58 -5.97 -0.91 -7.09
N THR A 59 -7.02 -0.91 -6.26
CA THR A 59 -7.87 -2.09 -6.10
C THR A 59 -8.49 -2.56 -7.40
N LYS A 60 -8.67 -1.64 -8.34
CA LYS A 60 -9.26 -1.97 -9.63
C LYS A 60 -8.48 -3.07 -10.32
N PHE A 61 -7.16 -3.05 -10.15
CA PHE A 61 -6.27 -4.05 -10.73
C PHE A 61 -5.94 -5.17 -9.75
N VAL A 62 -6.81 -5.39 -8.78
CA VAL A 62 -6.59 -6.45 -7.80
C VAL A 62 -7.84 -7.31 -7.63
N ASP A 63 -7.80 -8.54 -8.12
CA ASP A 63 -8.86 -9.49 -7.83
C ASP A 63 -8.55 -10.27 -6.57
N ARG A 64 -7.32 -10.75 -6.46
CA ARG A 64 -6.91 -11.52 -5.27
C ARG A 64 -5.62 -10.97 -4.72
N VAL A 65 -5.56 -10.74 -3.41
CA VAL A 65 -4.36 -10.22 -2.80
C VAL A 65 -3.82 -11.21 -1.79
N GLU A 66 -2.50 -11.43 -1.80
CA GLU A 66 -1.86 -12.41 -0.91
C GLU A 66 -0.54 -11.91 -0.36
N VAL A 67 -0.44 -11.82 0.97
CA VAL A 67 0.79 -11.38 1.60
C VAL A 67 1.78 -12.53 1.78
N ARG A 68 2.80 -12.58 0.95
CA ARG A 68 3.75 -13.69 1.01
C ARG A 68 4.64 -13.64 2.24
N LYS A 69 5.29 -12.50 2.50
CA LYS A 69 6.17 -12.44 3.67
C LYS A 69 6.23 -11.05 4.27
N VAL A 70 6.63 -10.99 5.54
CA VAL A 70 6.70 -9.71 6.25
C VAL A 70 7.97 -9.57 7.04
N GLN A 71 8.59 -8.40 6.98
CA GLN A 71 9.69 -8.08 7.89
C GLN A 71 9.43 -6.80 8.67
N VAL A 72 9.50 -6.90 10.00
CA VAL A 72 9.32 -5.75 10.88
C VAL A 72 10.62 -5.33 11.55
N ASP A 73 11.13 -4.17 11.18
CA ASP A 73 12.35 -3.66 11.79
C ASP A 73 12.12 -2.27 12.36
N GLY A 74 12.27 -2.14 13.68
CA GLY A 74 11.99 -0.89 14.36
C GLY A 74 10.58 -0.41 14.10
N ASN A 75 10.46 0.81 13.60
CA ASN A 75 9.17 1.36 13.22
C ASN A 75 8.90 1.22 11.72
N HIS A 76 9.76 0.46 11.05
CA HIS A 76 9.66 0.29 9.60
C HIS A 76 9.26 -1.14 9.24
N VAL A 77 8.23 -1.28 8.43
CA VAL A 77 7.76 -2.61 8.04
C VAL A 77 7.98 -2.84 6.56
N ARG A 78 8.48 -4.02 6.23
CA ARG A 78 8.66 -4.36 4.83
C ARG A 78 7.79 -5.55 4.50
N VAL A 79 7.01 -5.43 3.43
CA VAL A 79 6.09 -6.49 3.05
C VAL A 79 6.26 -6.88 1.60
N GLU A 80 6.19 -8.18 1.31
CA GLU A 80 6.12 -8.64 -0.06
C GLU A 80 4.72 -9.17 -0.26
N VAL A 81 4.06 -8.72 -1.32
CA VAL A 81 2.69 -9.13 -1.53
C VAL A 81 2.47 -9.56 -2.98
N GLU A 82 1.63 -10.55 -3.17
CA GLU A 82 1.37 -11.07 -4.49
C GLU A 82 -0.09 -10.82 -4.83
N VAL A 83 -0.34 -10.35 -6.05
CA VAL A 83 -1.67 -9.97 -6.46
C VAL A 83 -2.05 -10.67 -7.76
N GLU A 84 -3.30 -11.16 -7.80
CA GLU A 84 -3.85 -11.81 -8.96
C GLU A 84 -4.90 -10.90 -9.61
N TRP A 85 -4.67 -10.53 -10.88
CA TRP A 85 -5.54 -9.68 -11.69
C TRP A 85 -5.84 -10.31 -13.05
N ASN A 86 -7.06 -10.86 -13.19
CA ASN A 86 -7.46 -11.50 -14.45
C ASN A 86 -6.46 -12.56 -14.90
N GLY A 87 -6.10 -13.44 -13.99
CA GLY A 87 -5.33 -14.62 -14.33
C GLY A 87 -3.82 -14.42 -14.43
N LYS A 88 -3.34 -13.25 -14.03
CA LYS A 88 -1.90 -13.03 -14.00
C LYS A 88 -1.46 -12.66 -12.60
N LYS A 89 -0.28 -13.13 -12.21
CA LYS A 89 0.24 -12.86 -10.88
C LYS A 89 1.47 -11.96 -10.95
N TRP A 90 1.47 -10.91 -10.14
CA TRP A 90 2.61 -10.01 -10.09
C TRP A 90 2.92 -9.66 -8.64
N THR A 91 4.20 -9.47 -8.35
CA THR A 91 4.63 -9.27 -6.97
C THR A 91 5.24 -7.90 -6.77
N PHE A 92 4.79 -7.20 -5.74
CA PHE A 92 5.39 -5.93 -5.42
C PHE A 92 5.63 -5.79 -3.91
N GLU A 93 6.53 -4.88 -3.53
CA GLU A 93 6.91 -4.73 -2.13
C GLU A 93 6.48 -3.36 -1.59
N VAL A 94 5.88 -3.35 -0.40
CA VAL A 94 5.58 -2.10 0.25
C VAL A 94 6.43 -1.96 1.50
N GLU A 95 7.06 -0.81 1.65
CA GLU A 95 7.85 -0.50 2.84
C GLU A 95 7.16 0.65 3.57
N VAL A 96 6.86 0.47 4.85
CA VAL A 96 6.05 1.43 5.58
C VAL A 96 6.74 1.89 6.86
N GLU A 97 6.86 3.20 7.02
CA GLU A 97 7.35 3.77 8.26
C GLU A 97 6.17 4.24 9.10
N VAL A 98 6.06 3.69 10.31
CA VAL A 98 4.99 4.05 11.23
C VAL A 98 5.49 4.90 12.39
N ARG A 99 4.87 6.06 12.58
CA ARG A 99 5.22 6.95 13.68
C ARG A 99 4.00 7.23 14.55
N ASN A 100 4.18 7.14 15.86
CA ASN A 100 3.11 7.36 16.83
C ASN A 100 1.86 6.51 16.59
N GLY A 101 2.05 5.27 16.18
CA GLY A 101 0.94 4.36 15.96
C GLY A 101 0.16 4.62 14.68
N LYS A 102 0.62 5.59 13.90
CA LYS A 102 -0.01 5.92 12.63
C LYS A 102 1.01 5.92 11.49
N ILE A 103 0.58 5.52 10.29
CA ILE A 103 1.43 5.53 9.11
C ILE A 103 1.95 6.92 8.78
N LYS A 104 3.27 7.10 8.76
CA LYS A 104 3.86 8.38 8.37
C LYS A 104 4.16 8.43 6.88
N ARG A 105 4.75 7.36 6.36
CA ARG A 105 5.15 7.30 4.95
C ARG A 105 5.00 5.90 4.36
N ILE A 106 4.59 5.83 3.09
CA ILE A 106 4.55 4.57 2.37
C ILE A 106 5.41 4.65 1.11
N ARG A 107 6.39 3.76 0.99
CA ARG A 107 7.15 3.65 -0.25
C ARG A 107 6.82 2.32 -0.92
N LEU A 108 6.45 2.40 -2.20
CA LEU A 108 5.95 1.26 -2.93
C LEU A 108 6.86 0.90 -4.09
N GLN A 109 7.18 -0.38 -4.20
CA GLN A 109 8.00 -0.87 -5.30
C GLN A 109 7.19 -1.81 -6.19
N VAL A 110 7.14 -1.54 -7.48
CA VAL A 110 6.33 -2.36 -8.38
C VAL A 110 7.15 -2.88 -9.54
N ASP A 111 6.57 -3.89 -10.18
CA ASP A 111 7.16 -4.49 -11.37
C ASP A 111 7.14 -3.49 -12.55
N PRO A 112 8.28 -3.31 -13.25
CA PRO A 112 8.37 -2.62 -14.54
C PRO A 112 7.07 -2.65 -15.38
N GLU A 113 6.43 -3.79 -15.56
CA GLU A 113 5.22 -3.82 -16.39
C GLU A 113 4.15 -2.88 -15.84
N PHE A 114 4.07 -2.83 -14.51
CA PHE A 114 3.04 -2.05 -13.83
C PHE A 114 3.34 -0.55 -13.75
N LYS A 115 4.55 -0.16 -14.15
CA LYS A 115 4.95 1.25 -14.10
C LYS A 115 4.03 2.12 -14.96
N LYS A 116 3.65 1.60 -16.12
CA LYS A 116 2.74 2.31 -17.01
C LYS A 116 1.42 2.56 -16.30
N VAL A 117 0.93 1.52 -15.62
CA VAL A 117 -0.32 1.61 -14.89
C VAL A 117 -0.24 2.72 -13.85
N VAL A 118 0.83 2.68 -13.08
CA VAL A 118 1.05 3.65 -12.02
C VAL A 118 1.05 5.06 -12.57
N GLN A 119 1.78 5.24 -13.67
CA GLN A 119 1.87 6.53 -14.33
C GLN A 119 0.48 7.09 -14.64
N ASN A 120 -0.40 6.23 -15.14
CA ASN A 120 -1.72 6.67 -15.53
C ASN A 120 -2.63 6.90 -14.33
N ILE A 121 -2.42 6.16 -13.25
CA ILE A 121 -3.10 6.50 -12.00
C ILE A 121 -2.64 7.90 -11.55
N TRP A 122 -1.35 8.20 -11.71
CA TRP A 122 -0.84 9.51 -11.32
C TRP A 122 -1.51 10.60 -12.12
N ASN A 123 -1.61 10.40 -13.43
CA ASN A 123 -2.30 11.37 -14.28
C ASN A 123 -3.78 11.45 -13.94
N LEU A 124 -4.42 10.29 -13.82
CA LEU A 124 -5.87 10.21 -13.66
C LEU A 124 -6.36 10.65 -12.30
N LEU A 125 -5.46 10.72 -11.33
CA LEU A 125 -5.83 11.05 -9.97
C LEU A 125 -6.42 12.44 -9.93
#